data_3OZQ
#
_entry.id   3OZQ
#
_cell.length_a   66.061
_cell.length_b   42.561
_cell.length_c   66.178
_cell.angle_alpha   90.00
_cell.angle_beta   105.16
_cell.angle_gamma   90.00
#
_symmetry.space_group_name_H-M   'P 1 21 1'
#
loop_
_entity.id
_entity.type
_entity.pdbx_description
1 polymer Serpin48
2 water water
#
_entity_poly.entity_id   1
_entity_poly.type   'polypeptide(L)'
_entity_poly.pdbx_seq_one_letter_code
;GHMEDATLQEFPNAVNSFTPSVYKEVLKTEKANFLVSPFSAATLLALAQSGCRGDTAEEIRQVLHFVGDREKAEGAVKEV
LSKLTNEEYTLHTANKIYVKTNFSVREEFQKIAVEVYGAQSENVDFSEKNDAAKLMNAWVEEQTQHKIQNLVDPEILNNL
TRVVLINALYFNAKWLVPFPPFHTRKSDFHKSAKEVVQVDTMYLDEQYFNYYECHHLDAKLLELPFKGGASLTIVLSNQI
EGLVSLESKIKRSFLPHNLTKQLVNVALPKFKIESTVDFKKVLKKLGVKKAFGDEADLSGIAGEKGDLVISNIVQKSFID
VSEEGVEAAAATYIPVILPEMALPDSPKQFIVDHPFIFYIKVKGMILFAGRVTTLN
;
_entity_poly.pdbx_strand_id   A
#
# COMPACT_ATOMS: atom_id res chain seq x y z
N GLY A 1 -15.53 -7.84 10.75
CA GLY A 1 -15.97 -8.30 9.44
C GLY A 1 -17.12 -9.27 9.60
N HIS A 2 -16.77 -10.55 9.82
CA HIS A 2 -17.69 -11.47 10.47
C HIS A 2 -17.37 -11.57 11.98
N MET A 3 -18.41 -11.57 12.79
CA MET A 3 -18.37 -11.04 14.14
C MET A 3 -18.26 -12.04 15.27
N GLU A 4 -18.41 -13.33 14.96
CA GLU A 4 -18.39 -14.35 16.00
C GLU A 4 -17.21 -14.21 16.95
N ASP A 5 -16.21 -13.45 16.52
CA ASP A 5 -15.05 -13.12 17.35
C ASP A 5 -14.17 -12.08 16.69
N GLN A 9 -10.82 -5.05 15.78
CA GLN A 9 -10.95 -6.25 14.97
C GLN A 9 -9.58 -6.79 14.65
N GLU A 10 -9.50 -8.06 14.26
CA GLU A 10 -8.20 -8.69 14.06
C GLU A 10 -7.84 -8.92 12.61
N PHE A 11 -8.69 -8.49 11.68
CA PHE A 11 -8.24 -8.42 10.30
C PHE A 11 -7.52 -7.10 10.08
N PRO A 12 -8.14 -5.99 10.53
CA PRO A 12 -7.42 -4.71 10.57
C PRO A 12 -6.10 -4.88 11.31
N ASN A 13 -6.11 -5.75 12.32
CA ASN A 13 -4.92 -5.99 13.12
C ASN A 13 -3.87 -6.82 12.39
N ALA A 14 -4.32 -7.80 11.59
CA ALA A 14 -3.40 -8.66 10.85
C ALA A 14 -2.66 -7.88 9.76
N VAL A 15 -3.35 -6.92 9.15
CA VAL A 15 -2.76 -6.06 8.13
C VAL A 15 -1.63 -5.22 8.74
N ASN A 16 -1.89 -4.67 9.92
CA ASN A 16 -0.94 -3.79 10.58
C ASN A 16 0.35 -4.51 10.94
N SER A 17 0.25 -5.78 11.30
CA SER A 17 1.46 -6.54 11.60
C SER A 17 2.12 -7.03 10.31
N PHE A 18 1.31 -7.23 9.26
CA PHE A 18 1.79 -7.60 7.94
C PHE A 18 2.62 -6.46 7.36
N THR A 19 2.23 -5.24 7.69
CA THR A 19 2.80 -4.04 7.07
C THR A 19 4.33 -3.90 7.23
N PRO A 20 4.82 -3.99 8.48
CA PRO A 20 6.27 -3.89 8.68
C PRO A 20 7.03 -5.05 8.07
N SER A 21 6.43 -6.24 8.03
CA SER A 21 7.07 -7.38 7.41
C SER A 21 7.23 -7.10 5.92
N VAL A 22 6.19 -6.54 5.30
CA VAL A 22 6.27 -6.18 3.89
C VAL A 22 7.31 -5.09 3.64
N TYR A 23 7.28 -4.04 4.46
CA TYR A 23 8.22 -2.93 4.33
C TYR A 23 9.65 -3.46 4.34
N LYS A 24 9.95 -4.34 5.30
CA LYS A 24 11.31 -4.88 5.46
C LYS A 24 11.77 -5.59 4.21
N GLU A 25 10.85 -6.31 3.57
CA GLU A 25 11.17 -7.00 2.33
C GLU A 25 11.36 -6.02 1.18
N VAL A 26 10.45 -5.08 1.02
CA VAL A 26 10.51 -4.16 -0.12
C VAL A 26 11.80 -3.35 -0.11
N LEU A 27 12.23 -2.95 1.08
CA LEU A 27 13.50 -2.28 1.29
C LEU A 27 14.65 -2.93 0.53
N LYS A 28 14.67 -4.26 0.54
CA LYS A 28 15.77 -5.02 -0.05
C LYS A 28 16.00 -4.67 -1.50
N THR A 29 14.91 -4.41 -2.23
CA THR A 29 15.00 -4.13 -3.66
C THR A 29 14.86 -2.64 -3.96
N GLU A 30 14.24 -1.89 -3.06
CA GLU A 30 14.14 -0.44 -3.25
C GLU A 30 15.27 0.31 -2.55
N LYS A 31 15.99 1.14 -3.29
CA LYS A 31 17.19 1.80 -2.78
C LYS A 31 17.00 3.28 -2.41
N ALA A 32 15.84 3.82 -2.72
CA ALA A 32 15.52 5.20 -2.39
C ALA A 32 14.09 5.28 -1.89
N ASN A 33 13.30 6.19 -2.45
CA ASN A 33 11.92 6.30 -1.99
C ASN A 33 11.13 5.09 -2.46
N PHE A 34 10.15 4.70 -1.65
CA PHE A 34 9.15 3.77 -2.11
C PHE A 34 7.80 3.93 -1.41
N LEU A 35 6.79 3.33 -2.04
CA LEU A 35 5.43 3.30 -1.53
C LEU A 35 4.90 1.88 -1.76
N VAL A 36 4.24 1.32 -0.75
CA VAL A 36 3.66 -0.01 -0.84
C VAL A 36 2.33 -0.09 -0.07
N SER A 37 1.41 -0.93 -0.56
CA SER A 37 0.18 -1.20 0.15
C SER A 37 0.12 -2.67 0.54
N PRO A 38 0.65 -2.99 1.73
CA PRO A 38 0.49 -4.37 2.21
C PRO A 38 -0.99 -4.77 2.29
N PHE A 39 -1.84 -3.84 2.73
CA PHE A 39 -3.27 -4.10 2.82
C PHE A 39 -3.85 -4.57 1.49
N SER A 40 -3.66 -3.78 0.43
CA SER A 40 -4.27 -4.11 -0.85
C SER A 40 -3.75 -5.44 -1.41
N ALA A 41 -2.44 -5.64 -1.35
CA ALA A 41 -1.85 -6.88 -1.76
C ALA A 41 -2.52 -8.02 -0.99
N ALA A 42 -2.75 -7.79 0.31
CA ALA A 42 -3.34 -8.81 1.18
C ALA A 42 -4.74 -9.20 0.72
N THR A 43 -5.55 -8.22 0.34
CA THR A 43 -6.89 -8.55 -0.15
C THR A 43 -6.87 -9.33 -1.49
N LEU A 44 -5.87 -9.06 -2.32
CA LEU A 44 -5.78 -9.75 -3.59
C LEU A 44 -5.34 -11.19 -3.35
N LEU A 45 -4.34 -11.35 -2.50
CA LEU A 45 -3.86 -12.69 -2.17
C LEU A 45 -4.96 -13.51 -1.48
N ALA A 46 -5.81 -12.84 -0.70
CA ALA A 46 -6.95 -13.51 -0.09
C ALA A 46 -7.94 -14.00 -1.17
N LEU A 47 -8.13 -13.21 -2.23
CA LEU A 47 -8.95 -13.64 -3.34
C LEU A 47 -8.34 -14.91 -3.93
N ALA A 48 -7.04 -14.83 -4.24
CA ALA A 48 -6.31 -15.99 -4.73
C ALA A 48 -6.52 -17.20 -3.82
N GLN A 49 -6.30 -16.99 -2.54
CA GLN A 49 -6.40 -18.02 -1.51
C GLN A 49 -7.75 -18.73 -1.61
N SER A 50 -8.79 -17.99 -1.94
CA SER A 50 -10.11 -18.58 -1.97
C SER A 50 -10.28 -19.60 -3.10
N GLY A 51 -9.44 -19.49 -4.14
CA GLY A 51 -9.48 -20.38 -5.27
C GLY A 51 -8.46 -21.50 -5.17
N CYS A 52 -7.75 -21.54 -4.06
CA CYS A 52 -6.73 -22.54 -3.79
C CYS A 52 -7.30 -23.63 -2.89
N ARG A 53 -6.51 -24.69 -2.69
CA ARG A 53 -6.96 -25.83 -1.90
C ARG A 53 -5.82 -26.43 -1.10
N GLY A 54 -6.18 -27.21 -0.08
CA GLY A 54 -5.20 -27.98 0.67
C GLY A 54 -4.13 -27.17 1.33
N ASP A 55 -2.89 -27.62 1.21
CA ASP A 55 -1.79 -26.92 1.87
C ASP A 55 -1.47 -25.58 1.19
N THR A 56 -1.67 -25.52 -0.13
CA THR A 56 -1.58 -24.25 -0.87
C THR A 56 -2.38 -23.14 -0.19
N ALA A 57 -3.70 -23.32 -0.10
CA ALA A 57 -4.56 -22.29 0.46
C ALA A 57 -4.25 -22.05 1.94
N GLU A 58 -3.85 -23.10 2.63
CA GLU A 58 -3.59 -23.02 4.06
C GLU A 58 -2.35 -22.19 4.37
N GLU A 59 -1.31 -22.35 3.54
CA GLU A 59 -0.12 -21.53 3.66
C GLU A 59 -0.48 -20.05 3.58
N ILE A 60 -1.13 -19.67 2.48
CA ILE A 60 -1.53 -18.27 2.30
C ILE A 60 -2.25 -17.76 3.54
N ARG A 61 -3.08 -18.62 4.12
CA ARG A 61 -3.83 -18.26 5.31
C ARG A 61 -2.88 -18.01 6.49
N GLN A 62 -1.89 -18.88 6.61
CA GLN A 62 -0.88 -18.82 7.67
C GLN A 62 -0.10 -17.53 7.59
N VAL A 63 0.31 -17.13 6.39
CA VAL A 63 1.12 -15.92 6.26
C VAL A 63 0.31 -14.64 6.42
N LEU A 64 -0.92 -14.65 5.97
CA LEU A 64 -1.76 -13.49 6.17
C LEU A 64 -2.16 -13.45 7.63
N HIS A 65 -1.68 -14.44 8.39
CA HIS A 65 -2.10 -14.66 9.77
C HIS A 65 -3.59 -14.33 9.85
N PHE A 66 -4.29 -14.71 8.79
CA PHE A 66 -5.73 -14.54 8.65
C PHE A 66 -6.53 -15.69 9.26
N VAL A 67 -7.81 -15.46 9.52
CA VAL A 67 -8.63 -16.40 10.28
C VAL A 67 -9.04 -17.65 9.49
N GLY A 68 -9.32 -18.73 10.22
CA GLY A 68 -9.60 -20.02 9.64
C GLY A 68 -10.86 -20.10 8.79
N ASP A 69 -11.98 -19.69 9.36
CA ASP A 69 -13.28 -19.91 8.71
C ASP A 69 -13.44 -19.05 7.45
N ARG A 70 -14.04 -19.63 6.42
CA ARG A 70 -14.16 -18.94 5.13
C ARG A 70 -15.28 -17.90 5.07
N GLU A 71 -16.35 -18.09 5.83
CA GLU A 71 -17.37 -17.06 5.93
C GLU A 71 -16.79 -15.87 6.65
N LYS A 72 -15.92 -16.15 7.63
CA LYS A 72 -15.28 -15.09 8.40
C LYS A 72 -14.28 -14.30 7.55
N ALA A 73 -13.27 -15.00 7.02
CA ALA A 73 -12.30 -14.37 6.14
C ALA A 73 -13.00 -13.49 5.09
N GLU A 74 -13.94 -14.08 4.36
CA GLU A 74 -14.61 -13.37 3.29
C GLU A 74 -15.42 -12.19 3.79
N GLY A 75 -16.16 -12.41 4.89
CA GLY A 75 -16.94 -11.34 5.47
C GLY A 75 -16.05 -10.22 5.96
N ALA A 76 -14.96 -10.59 6.62
CA ALA A 76 -14.02 -9.64 7.18
C ALA A 76 -13.41 -8.72 6.13
N VAL A 77 -12.91 -9.32 5.05
CA VAL A 77 -12.36 -8.55 3.94
C VAL A 77 -13.42 -7.71 3.26
N LYS A 78 -14.63 -8.25 3.19
CA LYS A 78 -15.73 -7.55 2.55
C LYS A 78 -16.06 -6.28 3.32
N GLU A 79 -15.98 -6.32 4.64
CA GLU A 79 -16.27 -5.14 5.45
C GLU A 79 -15.23 -4.02 5.28
N VAL A 80 -13.95 -4.34 5.44
CA VAL A 80 -12.92 -3.32 5.29
C VAL A 80 -13.00 -2.65 3.92
N LEU A 81 -13.05 -3.45 2.86
CA LEU A 81 -13.09 -2.88 1.51
C LEU A 81 -14.27 -1.93 1.27
N SER A 82 -15.43 -2.28 1.83
CA SER A 82 -16.62 -1.44 1.65
C SER A 82 -16.46 -0.07 2.32
N LYS A 83 -15.67 0.01 3.37
CA LYS A 83 -15.53 1.26 4.11
C LYS A 83 -14.48 2.22 3.53
N LEU A 84 -13.52 1.67 2.80
CA LEU A 84 -12.49 2.52 2.18
C LEU A 84 -13.07 3.39 1.07
N THR A 85 -14.40 3.47 1.03
CA THR A 85 -15.09 4.45 0.21
C THR A 85 -15.86 5.40 1.13
N ASN A 86 -15.52 6.68 1.04
CA ASN A 86 -16.02 7.69 1.95
C ASN A 86 -16.52 8.84 1.09
N GLU A 87 -17.19 9.80 1.71
CA GLU A 87 -17.58 11.01 1.02
C GLU A 87 -16.35 11.90 0.93
N GLU A 88 -15.52 11.82 1.97
CA GLU A 88 -14.34 12.69 2.12
C GLU A 88 -13.07 12.20 1.44
N TYR A 89 -13.01 10.90 1.13
CA TYR A 89 -11.80 10.31 0.55
C TYR A 89 -12.06 8.99 -0.17
N THR A 90 -11.22 8.68 -1.15
CA THR A 90 -11.42 7.48 -1.96
C THR A 90 -10.13 6.72 -2.25
N LEU A 91 -10.16 5.42 -1.98
CA LEU A 91 -9.12 4.53 -2.46
C LEU A 91 -9.54 3.98 -3.83
N HIS A 92 -8.69 4.16 -4.83
CA HIS A 92 -8.91 3.62 -6.17
C HIS A 92 -8.03 2.39 -6.35
N THR A 93 -8.63 1.27 -6.74
CA THR A 93 -7.87 0.05 -6.96
C THR A 93 -8.29 -0.57 -8.27
N ALA A 94 -7.34 -1.17 -8.97
CA ALA A 94 -7.64 -1.97 -10.13
C ALA A 94 -6.92 -3.28 -9.87
N ASN A 95 -7.65 -4.25 -9.32
CA ASN A 95 -7.10 -5.53 -8.96
C ASN A 95 -7.72 -6.59 -9.85
N LYS A 96 -6.87 -7.42 -10.43
CA LYS A 96 -7.35 -8.44 -11.35
C LYS A 96 -6.49 -9.69 -11.33
N ILE A 97 -7.11 -10.83 -11.56
CA ILE A 97 -6.39 -12.08 -11.67
C ILE A 97 -6.59 -12.56 -13.08
N TYR A 98 -5.57 -12.42 -13.91
CA TYR A 98 -5.62 -12.90 -15.30
C TYR A 98 -5.14 -14.33 -15.36
N VAL A 99 -5.88 -15.19 -16.08
CA VAL A 99 -5.62 -16.62 -16.15
C VAL A 99 -5.43 -17.16 -17.58
N LYS A 100 -4.47 -18.07 -17.73
CA LYS A 100 -4.09 -18.68 -19.02
C LYS A 100 -5.35 -19.14 -19.78
N THR A 101 -5.47 -18.78 -21.06
CA THR A 101 -6.74 -19.03 -21.79
C THR A 101 -7.16 -20.50 -21.76
N ASN A 102 -6.18 -21.40 -21.71
CA ASN A 102 -6.48 -22.82 -21.80
C ASN A 102 -7.45 -23.23 -20.72
N PHE A 103 -7.45 -22.53 -19.59
CA PHE A 103 -8.25 -22.96 -18.47
C PHE A 103 -9.28 -21.89 -18.09
N SER A 104 -10.48 -22.04 -18.66
CA SER A 104 -11.60 -21.15 -18.42
C SER A 104 -11.83 -20.87 -16.93
N VAL A 105 -11.87 -19.61 -16.57
CA VAL A 105 -12.10 -19.23 -15.18
C VAL A 105 -13.52 -19.63 -14.78
N ARG A 106 -13.62 -20.33 -13.65
CA ARG A 106 -14.91 -20.71 -13.09
C ARG A 106 -15.74 -19.49 -12.74
N GLU A 107 -16.93 -19.38 -13.34
CA GLU A 107 -17.82 -18.25 -13.11
C GLU A 107 -17.99 -17.89 -11.63
N GLU A 108 -17.95 -18.91 -10.78
CA GLU A 108 -18.08 -18.75 -9.34
C GLU A 108 -16.93 -17.92 -8.75
N PHE A 109 -15.76 -17.99 -9.38
CA PHE A 109 -14.59 -17.27 -8.89
C PHE A 109 -14.66 -15.84 -9.38
N GLN A 110 -15.11 -15.65 -10.61
CA GLN A 110 -15.24 -14.29 -11.15
C GLN A 110 -16.26 -13.51 -10.35
N LYS A 111 -17.17 -14.24 -9.73
CA LYS A 111 -18.28 -13.64 -9.01
C LYS A 111 -17.81 -13.21 -7.62
N ILE A 112 -17.02 -14.07 -6.99
CA ILE A 112 -16.55 -13.78 -5.64
C ILE A 112 -15.50 -12.65 -5.67
N ALA A 113 -14.74 -12.59 -6.76
CA ALA A 113 -13.79 -11.51 -6.99
C ALA A 113 -14.49 -10.16 -6.89
N VAL A 114 -15.59 -10.03 -7.64
CA VAL A 114 -16.39 -8.81 -7.65
C VAL A 114 -17.13 -8.59 -6.34
N GLU A 115 -17.93 -9.57 -5.95
CA GLU A 115 -18.81 -9.41 -4.79
C GLU A 115 -18.08 -9.21 -3.46
N VAL A 116 -16.97 -9.91 -3.27
CA VAL A 116 -16.29 -9.89 -1.97
C VAL A 116 -14.98 -9.11 -1.94
N TYR A 117 -14.12 -9.32 -2.93
CA TYR A 117 -12.72 -8.88 -2.82
C TYR A 117 -12.36 -7.66 -3.65
N GLY A 118 -13.36 -6.98 -4.21
CA GLY A 118 -13.11 -5.78 -4.97
C GLY A 118 -12.07 -5.96 -6.07
N ALA A 119 -12.15 -7.09 -6.76
CA ALA A 119 -11.27 -7.35 -7.89
C ALA A 119 -12.06 -8.07 -8.97
N GLN A 120 -11.40 -8.46 -10.04
CA GLN A 120 -12.05 -9.37 -10.99
C GLN A 120 -11.08 -10.38 -11.55
N SER A 121 -11.60 -11.33 -12.35
CA SER A 121 -10.75 -12.35 -12.93
C SER A 121 -11.18 -12.62 -14.37
N GLU A 122 -10.21 -12.94 -15.20
CA GLU A 122 -10.42 -12.94 -16.65
C GLU A 122 -9.36 -13.82 -17.31
N ASN A 123 -9.76 -14.52 -18.39
CA ASN A 123 -8.83 -15.30 -19.19
C ASN A 123 -8.10 -14.43 -20.17
N VAL A 124 -6.83 -14.74 -20.42
CA VAL A 124 -6.04 -13.98 -21.37
C VAL A 124 -5.01 -14.90 -21.97
N ASP A 125 -4.70 -14.69 -23.24
CA ASP A 125 -3.66 -15.46 -23.90
C ASP A 125 -2.30 -14.85 -23.67
N PHE A 126 -1.47 -15.50 -22.85
CA PHE A 126 -0.13 -14.99 -22.58
C PHE A 126 0.87 -15.34 -23.70
N SER A 127 0.43 -16.13 -24.67
CA SER A 127 1.28 -16.52 -25.80
C SER A 127 1.92 -15.29 -26.44
N GLU A 128 1.05 -14.39 -26.92
CA GLU A 128 1.49 -13.16 -27.52
C GLU A 128 1.85 -12.19 -26.40
N LYS A 129 3.13 -12.12 -26.04
CA LYS A 129 3.56 -11.39 -24.86
C LYS A 129 3.03 -9.96 -24.84
N ASN A 130 3.30 -9.21 -25.90
CA ASN A 130 3.01 -7.78 -25.93
C ASN A 130 1.53 -7.41 -25.96
N ASP A 131 0.74 -8.21 -26.64
CA ASP A 131 -0.70 -8.01 -26.65
C ASP A 131 -1.28 -8.26 -25.26
N ALA A 132 -0.72 -9.25 -24.56
CA ALA A 132 -1.22 -9.60 -23.24
C ALA A 132 -0.92 -8.46 -22.28
N ALA A 133 0.36 -8.09 -22.20
CA ALA A 133 0.81 -6.91 -21.46
C ALA A 133 -0.04 -5.67 -21.75
N LYS A 134 -0.20 -5.33 -23.04
CA LYS A 134 -1.01 -4.16 -23.40
C LYS A 134 -2.44 -4.27 -22.89
N LEU A 135 -3.02 -5.45 -23.01
CA LEU A 135 -4.40 -5.69 -22.63
C LEU A 135 -4.57 -5.44 -21.14
N MET A 136 -3.70 -6.04 -20.34
CA MET A 136 -3.74 -5.88 -18.89
C MET A 136 -3.50 -4.42 -18.51
N ASN A 137 -2.49 -3.81 -19.10
CA ASN A 137 -2.19 -2.40 -18.81
C ASN A 137 -3.29 -1.44 -19.20
N ALA A 138 -3.99 -1.75 -20.29
CA ALA A 138 -5.02 -0.85 -20.78
C ALA A 138 -6.20 -0.91 -19.82
N TRP A 139 -6.45 -2.10 -19.30
CA TRP A 139 -7.51 -2.31 -18.32
C TRP A 139 -7.19 -1.49 -17.07
N VAL A 140 -5.96 -1.63 -16.58
CA VAL A 140 -5.50 -0.85 -15.42
C VAL A 140 -5.67 0.66 -15.66
N GLU A 141 -5.34 1.12 -16.86
CA GLU A 141 -5.47 2.55 -17.15
C GLU A 141 -6.92 2.98 -17.08
N GLU A 142 -7.81 2.28 -17.79
CA GLU A 142 -9.22 2.63 -17.75
C GLU A 142 -9.75 2.70 -16.31
N GLN A 143 -9.28 1.78 -15.47
CA GLN A 143 -9.78 1.64 -14.11
C GLN A 143 -9.11 2.62 -13.12
N THR A 144 -8.03 3.25 -13.53
CA THR A 144 -7.36 4.24 -12.67
C THR A 144 -7.31 5.62 -13.33
N GLN A 145 -8.32 5.93 -14.14
CA GLN A 145 -8.35 7.17 -14.91
C GLN A 145 -7.00 7.52 -15.54
N HIS A 146 -6.36 6.51 -16.13
CA HIS A 146 -5.09 6.68 -16.85
C HIS A 146 -3.93 7.19 -15.99
N LYS A 147 -4.12 7.18 -14.68
CA LYS A 147 -3.10 7.62 -13.73
C LYS A 147 -1.98 6.59 -13.52
N ILE A 148 -2.27 5.33 -13.82
CA ILE A 148 -1.31 4.25 -13.64
C ILE A 148 -1.10 3.50 -14.95
N GLN A 149 0.11 3.62 -15.48
CA GLN A 149 0.38 3.13 -16.82
C GLN A 149 1.49 2.09 -16.78
N ASN A 150 1.48 1.22 -17.78
CA ASN A 150 2.56 0.26 -17.96
C ASN A 150 2.87 -0.54 -16.72
N LEU A 151 1.83 -1.02 -16.06
CA LEU A 151 2.04 -1.83 -14.87
C LEU A 151 2.81 -3.09 -15.21
N VAL A 152 2.34 -3.82 -16.22
CA VAL A 152 2.94 -5.09 -16.63
C VAL A 152 4.03 -4.82 -17.65
N ASP A 153 5.24 -5.29 -17.35
CA ASP A 153 6.35 -5.25 -18.29
C ASP A 153 6.32 -6.56 -19.05
N PRO A 154 6.04 -6.50 -20.36
CA PRO A 154 5.80 -7.71 -21.14
C PRO A 154 6.92 -8.73 -20.98
N GLU A 155 8.11 -8.27 -20.62
CA GLU A 155 9.23 -9.17 -20.44
C GLU A 155 9.01 -10.21 -19.32
N ILE A 156 8.11 -9.93 -18.40
CA ILE A 156 7.85 -10.86 -17.28
C ILE A 156 7.02 -12.04 -17.74
N LEU A 157 6.38 -11.90 -18.89
CA LEU A 157 5.53 -12.94 -19.44
C LEU A 157 6.33 -13.98 -20.21
N ASN A 158 5.92 -15.23 -20.14
CA ASN A 158 6.58 -16.30 -20.89
C ASN A 158 5.68 -17.48 -21.16
N ASN A 159 6.22 -18.48 -21.86
CA ASN A 159 5.45 -19.65 -22.22
C ASN A 159 4.82 -20.33 -21.00
N LEU A 160 5.41 -20.13 -19.82
CA LEU A 160 4.87 -20.71 -18.60
C LEU A 160 3.96 -19.80 -17.77
N THR A 161 3.65 -18.60 -18.26
CA THR A 161 2.77 -17.72 -17.48
C THR A 161 1.41 -18.37 -17.37
N ARG A 162 0.95 -18.58 -16.14
CA ARG A 162 -0.30 -19.29 -15.84
C ARG A 162 -1.33 -18.43 -15.11
N VAL A 163 -0.91 -17.82 -14.00
CA VAL A 163 -1.76 -16.84 -13.32
C VAL A 163 -0.98 -15.58 -12.94
N VAL A 164 -1.54 -14.43 -13.28
CA VAL A 164 -0.93 -13.17 -12.94
C VAL A 164 -1.89 -12.35 -12.08
N LEU A 165 -1.41 -11.94 -10.91
CA LEU A 165 -2.13 -11.00 -10.04
C LEU A 165 -1.67 -9.58 -10.34
N ILE A 166 -2.62 -8.74 -10.70
CA ILE A 166 -2.35 -7.33 -10.95
C ILE A 166 -3.00 -6.51 -9.84
N ASN A 167 -2.28 -5.53 -9.31
CA ASN A 167 -2.73 -4.75 -8.14
C ASN A 167 -2.28 -3.29 -8.22
N ALA A 168 -3.11 -2.44 -8.82
CA ALA A 168 -2.78 -1.04 -9.02
C ALA A 168 -3.69 -0.22 -8.12
N LEU A 169 -3.13 0.78 -7.47
CA LEU A 169 -3.94 1.66 -6.61
C LEU A 169 -3.30 2.99 -6.30
N TYR A 170 -4.13 3.88 -5.77
CA TYR A 170 -3.71 5.18 -5.31
C TYR A 170 -4.84 5.73 -4.48
N PHE A 171 -4.51 6.68 -3.62
CA PHE A 171 -5.41 7.21 -2.61
C PHE A 171 -5.68 8.68 -2.88
N ASN A 172 -6.89 9.12 -2.59
CA ASN A 172 -7.26 10.52 -2.73
C ASN A 172 -7.92 11.04 -1.46
N ALA A 173 -7.31 12.06 -0.84
CA ALA A 173 -7.81 12.63 0.41
C ALA A 173 -7.50 14.11 0.53
N LYS A 174 -8.24 14.77 1.41
CA LYS A 174 -8.05 16.20 1.68
C LYS A 174 -7.56 16.38 3.11
N TRP A 175 -6.56 17.24 3.29
CA TRP A 175 -6.13 17.63 4.62
C TRP A 175 -7.31 18.24 5.37
N LEU A 176 -7.48 17.87 6.64
CA LEU A 176 -8.46 18.53 7.49
C LEU A 176 -8.06 20.00 7.66
N VAL A 177 -6.75 20.23 7.76
CA VAL A 177 -6.20 21.58 7.80
C VAL A 177 -5.13 21.65 6.73
N PRO A 178 -5.48 22.21 5.58
CA PRO A 178 -4.55 22.31 4.46
C PRO A 178 -3.39 23.27 4.73
N PHE A 179 -2.30 23.11 3.98
CA PHE A 179 -1.18 24.04 4.02
C PHE A 179 -1.47 25.22 3.11
N PRO A 180 -1.16 26.45 3.57
CA PRO A 180 -1.24 27.67 2.77
C PRO A 180 -0.11 27.74 1.76
N PRO A 181 -0.43 27.68 0.46
CA PRO A 181 0.55 27.62 -0.62
C PRO A 181 1.41 28.88 -0.76
N PHE A 182 0.96 29.98 -0.21
CA PHE A 182 1.73 31.22 -0.26
C PHE A 182 3.03 31.01 0.51
N HIS A 183 2.95 30.22 1.59
CA HIS A 183 4.09 30.02 2.46
C HIS A 183 4.98 28.85 2.04
N THR A 184 4.64 28.23 0.92
CA THR A 184 5.46 27.19 0.36
C THR A 184 6.72 27.74 -0.31
N ARG A 185 7.88 27.21 0.08
CA ARG A 185 9.15 27.70 -0.42
C ARG A 185 10.20 26.61 -0.48
N LYS A 186 11.26 26.87 -1.24
CA LYS A 186 12.42 25.99 -1.32
C LYS A 186 13.17 26.03 0.00
N SER A 187 13.47 24.87 0.59
CA SER A 187 14.22 24.83 1.85
C SER A 187 15.14 23.61 1.93
N ASP A 188 16.09 23.66 2.85
CA ASP A 188 17.04 22.56 3.02
C ASP A 188 16.32 21.23 3.28
N PHE A 189 16.80 20.19 2.63
CA PHE A 189 16.44 18.82 2.98
C PHE A 189 17.75 18.05 3.05
N HIS A 190 18.06 17.50 4.20
CA HIS A 190 19.31 16.77 4.37
C HIS A 190 19.12 15.29 4.10
N LYS A 191 19.65 14.82 2.96
CA LYS A 191 19.62 13.40 2.64
C LYS A 191 20.57 12.65 3.57
N SER A 192 21.51 13.40 4.13
CA SER A 192 22.45 12.90 5.13
C SER A 192 23.21 14.11 5.63
N ALA A 193 24.08 13.91 6.61
CA ALA A 193 24.86 15.02 7.16
C ALA A 193 25.54 15.80 6.03
N LYS A 194 26.36 15.11 5.24
CA LYS A 194 27.22 15.77 4.26
C LYS A 194 26.53 16.37 3.04
N GLU A 195 25.33 15.91 2.70
CA GLU A 195 24.66 16.46 1.50
C GLU A 195 23.27 17.06 1.76
N VAL A 196 23.06 18.25 1.19
CA VAL A 196 21.83 19.02 1.36
C VAL A 196 21.21 19.39 0.01
N VAL A 197 19.90 19.55 -0.03
CA VAL A 197 19.23 20.05 -1.22
C VAL A 197 18.13 21.06 -0.90
N GLN A 198 17.75 21.86 -1.90
CA GLN A 198 16.64 22.79 -1.77
C GLN A 198 15.42 22.23 -2.48
N VAL A 199 14.36 21.99 -1.73
CA VAL A 199 13.14 21.45 -2.32
C VAL A 199 11.94 22.21 -1.80
N ASP A 200 10.83 22.10 -2.52
CA ASP A 200 9.59 22.78 -2.14
C ASP A 200 9.09 22.23 -0.80
N THR A 201 8.86 23.13 0.14
CA THR A 201 8.46 22.75 1.48
C THR A 201 7.26 23.57 1.92
N MET A 202 6.30 22.92 2.55
CA MET A 202 5.05 23.53 2.97
C MET A 202 5.07 23.78 4.47
N TYR A 203 4.36 24.81 4.93
CA TYR A 203 4.44 25.21 6.32
C TYR A 203 3.07 25.43 6.96
N LEU A 204 2.87 24.83 8.13
CA LEU A 204 1.65 25.02 8.90
C LEU A 204 1.99 25.23 10.36
N ASP A 205 1.57 26.37 10.91
CA ASP A 205 1.94 26.75 12.27
C ASP A 205 0.81 26.70 13.30
N GLU A 206 1.19 26.59 14.56
CA GLU A 206 0.26 26.68 15.67
C GLU A 206 -1.01 25.84 15.50
N GLN A 207 -0.84 24.60 15.03
CA GLN A 207 -1.96 23.68 14.92
C GLN A 207 -1.85 22.62 16.00
N TYR A 208 -2.98 22.08 16.44
CA TYR A 208 -2.98 20.97 17.38
C TYR A 208 -3.13 19.64 16.64
N PHE A 209 -2.04 18.88 16.60
CA PHE A 209 -2.03 17.59 15.91
C PHE A 209 -1.54 16.52 16.86
N ASN A 210 -1.99 15.29 16.64
CA ASN A 210 -1.48 14.18 17.40
C ASN A 210 0.03 14.06 17.25
N TYR A 211 0.69 13.95 18.38
CA TYR A 211 2.14 14.09 18.43
C TYR A 211 2.67 13.12 19.48
N TYR A 212 3.87 12.59 19.26
CA TYR A 212 4.45 11.66 20.21
C TYR A 212 5.96 11.63 20.13
N GLU A 213 6.61 11.58 21.28
CA GLU A 213 8.05 11.43 21.31
C GLU A 213 8.40 10.03 21.79
N CYS A 214 8.83 9.17 20.85
CA CYS A 214 9.20 7.80 21.19
C CYS A 214 10.65 7.76 21.62
N HIS A 215 10.87 7.45 22.90
CA HIS A 215 12.22 7.49 23.48
C HIS A 215 13.07 6.28 23.10
N HIS A 216 12.45 5.11 23.04
CA HIS A 216 13.15 3.92 22.57
C HIS A 216 13.63 4.09 21.13
N LEU A 217 12.82 4.75 20.31
CA LEU A 217 13.16 4.92 18.90
C LEU A 217 14.01 6.13 18.61
N ASP A 218 14.13 7.02 19.59
CA ASP A 218 14.76 8.31 19.39
C ASP A 218 14.20 8.97 18.13
N ALA A 219 12.88 9.11 18.11
CA ALA A 219 12.21 9.71 16.98
C ALA A 219 10.97 10.44 17.46
N LYS A 220 10.39 11.24 16.58
CA LYS A 220 9.13 11.90 16.85
C LYS A 220 8.13 11.39 15.82
N LEU A 221 6.86 11.36 16.20
CA LEU A 221 5.80 10.92 15.31
C LEU A 221 4.72 11.97 15.28
N LEU A 222 4.23 12.26 14.10
CA LEU A 222 3.19 13.26 13.92
C LEU A 222 2.11 12.69 13.03
N GLU A 223 0.87 12.81 13.45
CA GLU A 223 -0.22 12.32 12.62
C GLU A 223 -1.03 13.48 12.06
N LEU A 224 -0.95 13.63 10.74
CA LEU A 224 -1.65 14.69 10.02
C LEU A 224 -2.99 14.17 9.55
N PRO A 225 -4.07 14.83 9.97
CA PRO A 225 -5.44 14.36 9.77
C PRO A 225 -5.98 14.71 8.40
N PHE A 226 -6.63 13.72 7.80
CA PHE A 226 -7.36 13.91 6.55
C PHE A 226 -8.82 14.08 6.90
N LYS A 227 -9.57 14.75 6.03
CA LYS A 227 -11.01 14.82 6.22
C LYS A 227 -11.61 13.43 6.19
N GLY A 228 -12.48 13.14 7.14
CA GLY A 228 -13.23 11.90 7.14
C GLY A 228 -12.63 10.86 8.05
N GLY A 229 -11.54 11.21 8.73
CA GLY A 229 -10.94 10.31 9.71
C GLY A 229 -9.64 9.60 9.31
N ALA A 230 -9.30 9.65 8.03
CA ALA A 230 -8.03 9.08 7.58
C ALA A 230 -6.87 9.94 8.11
N SER A 231 -5.65 9.43 8.01
CA SER A 231 -4.50 10.24 8.43
C SER A 231 -3.20 9.83 7.76
N LEU A 232 -2.26 10.77 7.69
CA LEU A 232 -0.89 10.50 7.25
C LEU A 232 0.05 10.66 8.43
N THR A 233 0.75 9.59 8.79
CA THR A 233 1.66 9.61 9.93
C THR A 233 3.11 9.64 9.46
N ILE A 234 3.87 10.64 9.93
CA ILE A 234 5.30 10.73 9.65
C ILE A 234 6.06 10.22 10.86
N VAL A 235 7.05 9.37 10.63
CA VAL A 235 7.96 8.94 11.69
C VAL A 235 9.33 9.54 11.41
N LEU A 236 9.71 10.49 12.25
CA LEU A 236 10.89 11.32 12.01
C LEU A 236 11.97 11.06 13.06
N SER A 237 13.09 10.50 12.64
CA SER A 237 14.18 10.27 13.59
C SER A 237 14.74 11.59 14.10
N ASN A 238 15.15 11.59 15.36
CA ASN A 238 15.71 12.80 15.98
C ASN A 238 17.03 13.21 15.35
N GLN A 239 17.78 12.23 14.86
CA GLN A 239 19.03 12.51 14.18
C GLN A 239 18.89 12.48 12.65
N ILE A 240 19.64 13.34 11.98
CA ILE A 240 19.57 13.48 10.53
C ILE A 240 19.63 12.15 9.79
N GLU A 241 20.54 11.26 10.21
CA GLU A 241 20.79 10.02 9.49
C GLU A 241 20.21 8.81 10.19
N GLY A 242 19.16 9.02 11.00
CA GLY A 242 18.63 7.97 11.83
C GLY A 242 17.65 6.98 11.23
N LEU A 243 17.45 7.03 9.90
CA LEU A 243 16.44 6.18 9.26
C LEU A 243 16.73 4.68 9.35
N VAL A 244 17.94 4.28 8.94
CA VAL A 244 18.34 2.88 9.01
C VAL A 244 18.06 2.31 10.40
N SER A 245 18.38 3.09 11.42
CA SER A 245 18.12 2.72 12.79
C SER A 245 16.64 2.38 12.97
N LEU A 246 15.77 3.24 12.43
CA LEU A 246 14.33 3.04 12.54
C LEU A 246 13.92 1.79 11.79
N GLU A 247 14.67 1.47 10.75
CA GLU A 247 14.34 0.33 9.90
C GLU A 247 14.87 -0.97 10.48
N SER A 248 15.89 -0.87 11.32
CA SER A 248 16.37 -2.04 12.04
C SER A 248 15.37 -2.37 13.13
N LYS A 249 14.57 -1.36 13.50
CA LYS A 249 13.46 -1.54 14.45
C LYS A 249 12.11 -1.25 13.80
N ILE A 250 11.95 -1.68 12.54
CA ILE A 250 10.79 -1.32 11.74
C ILE A 250 9.45 -1.68 12.40
N LYS A 251 9.46 -2.74 13.18
CA LYS A 251 8.25 -3.20 13.87
C LYS A 251 7.73 -2.12 14.81
N ARG A 252 8.62 -1.58 15.64
CA ARG A 252 8.24 -0.56 16.60
C ARG A 252 7.67 0.68 15.91
N SER A 253 8.22 1.01 14.75
CA SER A 253 7.83 2.25 14.07
C SER A 253 6.37 2.27 13.60
N PHE A 254 5.78 1.10 13.40
CA PHE A 254 4.39 1.06 12.91
C PHE A 254 3.38 0.79 14.02
N LEU A 255 3.88 0.31 15.15
CA LEU A 255 3.06 0.14 16.35
C LEU A 255 2.28 1.39 16.66
N PRO A 256 1.05 1.21 17.16
CA PRO A 256 0.21 2.33 17.63
C PRO A 256 0.80 2.92 18.90
N HIS A 257 0.73 4.23 19.04
CA HIS A 257 1.29 4.90 20.21
C HIS A 257 0.25 5.80 20.88
N ASN A 258 0.53 6.17 22.12
CA ASN A 258 -0.35 7.06 22.88
C ASN A 258 -0.24 8.50 22.40
N LEU A 259 -0.68 8.75 21.17
CA LEU A 259 -0.55 10.07 20.57
C LEU A 259 -1.56 11.05 21.17
N THR A 260 -1.10 12.22 21.57
CA THR A 260 -1.97 13.25 22.12
C THR A 260 -1.83 14.53 21.32
N LYS A 261 -2.87 15.35 21.32
CA LYS A 261 -2.83 16.60 20.57
C LYS A 261 -1.94 17.65 21.24
N GLN A 262 -0.83 17.99 20.59
CA GLN A 262 0.04 19.03 21.10
C GLN A 262 0.16 20.15 20.07
N LEU A 263 0.41 21.35 20.56
CA LEU A 263 0.58 22.51 19.68
C LEU A 263 1.90 22.39 18.96
N VAL A 264 1.87 22.49 17.63
CA VAL A 264 3.05 22.13 16.86
C VAL A 264 3.13 22.96 15.60
N ASN A 265 4.34 23.19 15.12
CA ASN A 265 4.55 23.75 13.81
C ASN A 265 5.09 22.64 12.92
N VAL A 266 4.64 22.60 11.67
CA VAL A 266 5.07 21.53 10.78
C VAL A 266 5.69 22.05 9.50
N ALA A 267 6.82 21.46 9.14
CA ALA A 267 7.45 21.74 7.86
C ALA A 267 7.54 20.44 7.09
N LEU A 268 6.71 20.31 6.06
CA LEU A 268 6.61 19.08 5.29
C LEU A 268 6.87 19.37 3.85
N PRO A 269 7.90 18.76 3.27
CA PRO A 269 8.18 18.87 1.84
C PRO A 269 7.01 18.31 1.04
N LYS A 270 6.77 18.86 -0.15
CA LYS A 270 5.89 18.13 -1.03
C LYS A 270 6.65 16.96 -1.64
N PHE A 271 5.95 15.86 -1.92
CA PHE A 271 6.62 14.71 -2.48
C PHE A 271 5.71 13.86 -3.33
N LYS A 272 6.29 13.24 -4.34
CA LYS A 272 5.58 12.32 -5.20
C LYS A 272 6.42 11.07 -5.28
N ILE A 273 5.78 9.91 -5.13
CA ILE A 273 6.46 8.64 -5.27
C ILE A 273 5.66 7.66 -6.12
N GLU A 274 6.34 6.96 -7.01
CA GLU A 274 5.75 5.87 -7.79
C GLU A 274 6.56 4.61 -7.58
N SER A 275 5.87 3.53 -7.20
CA SER A 275 6.55 2.26 -6.98
C SER A 275 5.88 1.11 -7.72
N THR A 276 6.69 0.14 -8.12
CA THR A 276 6.20 -1.11 -8.66
C THR A 276 6.84 -2.21 -7.82
N VAL A 277 6.03 -3.05 -7.20
CA VAL A 277 6.52 -4.04 -6.27
C VAL A 277 6.20 -5.48 -6.73
N ASP A 278 7.25 -6.29 -6.78
CA ASP A 278 7.15 -7.71 -7.03
C ASP A 278 6.76 -8.34 -5.72
N PHE A 279 5.49 -8.65 -5.57
CA PHE A 279 4.98 -9.27 -4.34
C PHE A 279 5.22 -10.79 -4.26
N LYS A 280 5.56 -11.42 -5.38
CA LYS A 280 5.95 -12.83 -5.33
C LYS A 280 7.23 -12.99 -4.52
N LYS A 281 8.20 -12.16 -4.85
CA LYS A 281 9.46 -12.07 -4.10
C LYS A 281 9.18 -11.81 -2.63
N VAL A 282 8.33 -10.84 -2.34
CA VAL A 282 8.00 -10.54 -0.95
C VAL A 282 7.36 -11.75 -0.27
N LEU A 283 6.30 -12.29 -0.87
CA LEU A 283 5.51 -13.33 -0.22
C LEU A 283 6.30 -14.62 -0.01
N LYS A 284 7.24 -14.89 -0.91
CA LYS A 284 8.10 -16.05 -0.77
C LYS A 284 8.91 -16.00 0.51
N LYS A 285 9.45 -14.83 0.85
CA LYS A 285 10.23 -14.71 2.07
C LYS A 285 9.33 -14.84 3.31
N LEU A 286 8.04 -14.55 3.15
CA LEU A 286 7.09 -14.53 4.26
C LEU A 286 6.39 -15.87 4.52
N GLY A 287 6.53 -16.82 3.60
CA GLY A 287 6.01 -18.15 3.82
C GLY A 287 5.11 -18.78 2.77
N VAL A 288 4.76 -18.03 1.72
CA VAL A 288 3.99 -18.59 0.63
C VAL A 288 4.92 -19.24 -0.38
N LYS A 289 4.89 -20.57 -0.44
CA LYS A 289 5.78 -21.32 -1.33
C LYS A 289 4.99 -22.15 -2.34
N LYS A 290 4.09 -22.98 -1.83
CA LYS A 290 3.33 -23.93 -2.65
C LYS A 290 2.66 -23.27 -3.86
N ALA A 291 2.01 -22.13 -3.63
CA ALA A 291 1.19 -21.52 -4.67
C ALA A 291 2.00 -21.07 -5.90
N PHE A 292 3.31 -20.96 -5.73
CA PHE A 292 4.20 -20.50 -6.81
C PHE A 292 4.90 -21.65 -7.54
N GLY A 293 4.70 -22.88 -7.07
CA GLY A 293 5.45 -24.01 -7.59
C GLY A 293 4.60 -25.21 -8.02
N ASP A 294 5.24 -26.37 -8.16
CA ASP A 294 4.59 -27.55 -8.73
C ASP A 294 3.49 -28.15 -7.86
N GLU A 295 3.62 -28.01 -6.56
CA GLU A 295 2.63 -28.57 -5.65
C GLU A 295 1.37 -27.71 -5.58
N ALA A 296 1.33 -26.68 -6.41
CA ALA A 296 0.29 -25.65 -6.34
C ALA A 296 -1.08 -26.19 -6.67
N ASP A 297 -2.08 -25.72 -5.92
CA ASP A 297 -3.44 -26.14 -6.18
C ASP A 297 -4.41 -24.97 -6.29
N LEU A 298 -4.53 -24.43 -7.49
CA LEU A 298 -5.46 -23.36 -7.80
C LEU A 298 -6.72 -23.85 -8.50
N SER A 299 -7.12 -25.08 -8.23
CA SER A 299 -8.26 -25.72 -8.89
C SER A 299 -9.60 -25.00 -8.66
N GLY A 300 -9.63 -24.14 -7.64
CA GLY A 300 -10.79 -23.29 -7.39
C GLY A 300 -10.89 -22.17 -8.39
N ILE A 301 -9.80 -21.88 -9.09
CA ILE A 301 -9.84 -20.82 -10.09
C ILE A 301 -10.19 -21.43 -11.46
N ALA A 302 -9.45 -22.45 -11.85
CA ALA A 302 -9.71 -23.15 -13.12
C ALA A 302 -8.80 -24.35 -13.23
N GLY A 303 -9.22 -25.32 -14.04
CA GLY A 303 -8.44 -26.52 -14.27
C GLY A 303 -8.36 -27.42 -13.06
N GLU A 304 -7.43 -28.36 -13.11
CA GLU A 304 -7.22 -29.32 -12.04
C GLU A 304 -5.93 -28.97 -11.34
N LYS A 305 -5.68 -29.61 -10.20
CA LYS A 305 -4.48 -29.34 -9.44
C LYS A 305 -3.20 -29.42 -10.29
N GLY A 306 -2.37 -28.40 -10.21
CA GLY A 306 -1.08 -28.42 -10.88
C GLY A 306 -1.11 -27.79 -12.27
N ASP A 307 -2.31 -27.59 -12.81
CA ASP A 307 -2.50 -26.86 -14.05
C ASP A 307 -2.04 -25.39 -13.93
N LEU A 308 -2.42 -24.74 -12.85
CA LEU A 308 -2.09 -23.33 -12.69
C LEU A 308 -1.19 -23.13 -11.49
N VAL A 309 -0.33 -22.13 -11.56
CA VAL A 309 0.44 -21.66 -10.41
C VAL A 309 0.36 -20.15 -10.48
N ILE A 310 0.67 -19.47 -9.38
CA ILE A 310 0.75 -18.03 -9.45
C ILE A 310 2.09 -17.67 -10.05
N SER A 311 2.06 -17.08 -11.24
CA SER A 311 3.29 -16.80 -11.97
C SER A 311 3.91 -15.46 -11.56
N ASN A 312 3.07 -14.45 -11.40
CA ASN A 312 3.56 -13.13 -11.01
C ASN A 312 2.56 -12.42 -10.11
N ILE A 313 3.06 -11.55 -9.23
CA ILE A 313 2.21 -10.67 -8.44
C ILE A 313 2.80 -9.27 -8.45
N VAL A 314 2.10 -8.34 -9.07
CA VAL A 314 2.68 -7.04 -9.35
C VAL A 314 1.79 -5.94 -8.80
N GLN A 315 2.33 -5.20 -7.85
CA GLN A 315 1.64 -4.00 -7.35
C GLN A 315 2.27 -2.75 -7.91
N LYS A 316 1.45 -1.81 -8.33
CA LYS A 316 1.94 -0.50 -8.68
C LYS A 316 1.05 0.55 -8.07
N SER A 317 1.68 1.58 -7.49
CA SER A 317 0.95 2.63 -6.81
C SER A 317 1.76 3.92 -6.82
N PHE A 318 1.09 5.03 -6.57
CA PHE A 318 1.76 6.32 -6.39
C PHE A 318 1.05 7.14 -5.33
N ILE A 319 1.77 8.15 -4.86
CA ILE A 319 1.23 9.13 -3.94
C ILE A 319 1.79 10.48 -4.33
N ASP A 320 0.96 11.49 -4.24
CA ASP A 320 1.35 12.83 -4.63
C ASP A 320 0.89 13.77 -3.53
N VAL A 321 1.84 14.26 -2.74
CA VAL A 321 1.50 15.00 -1.54
C VAL A 321 1.71 16.48 -1.76
N SER A 322 0.66 17.25 -1.56
CA SER A 322 0.68 18.68 -1.83
C SER A 322 -0.07 19.47 -0.76
N GLU A 323 -0.33 20.75 -1.03
CA GLU A 323 -0.94 21.61 -0.01
C GLU A 323 -2.37 21.26 0.38
N GLU A 324 -3.17 20.77 -0.57
CA GLU A 324 -4.56 20.40 -0.25
C GLU A 324 -4.71 18.97 0.28
N GLY A 325 -3.75 18.11 -0.02
CA GLY A 325 -3.78 16.75 0.47
C GLY A 325 -3.00 15.82 -0.44
N VAL A 326 -3.59 14.68 -0.77
CA VAL A 326 -2.91 13.72 -1.61
C VAL A 326 -3.74 13.47 -2.88
N GLU A 327 -3.10 13.60 -4.03
CA GLU A 327 -3.79 13.52 -5.32
C GLU A 327 -4.95 14.53 -5.33
N ALA A 328 -4.70 15.70 -4.76
CA ALA A 328 -5.69 16.78 -4.72
C ALA A 328 -5.29 17.92 -5.65
N ALA A 329 -6.24 18.35 -6.48
CA ALA A 329 -6.03 19.50 -7.36
C ALA A 329 -5.95 20.78 -6.54
N ALA A 330 -5.13 21.73 -6.99
CA ALA A 330 -5.00 23.01 -6.32
C ALA A 330 -6.35 23.73 -6.24
N ALA A 331 -6.79 24.05 -5.03
CA ALA A 331 -8.09 24.71 -4.82
C ALA A 331 -7.93 26.21 -4.64
N THR A 332 -8.40 26.71 -3.50
CA THR A 332 -8.30 28.11 -3.12
C THR A 332 -8.89 28.28 -1.73
N TYR A 333 -8.06 28.61 -0.75
CA TYR A 333 -8.54 28.69 0.62
C TYR A 333 -7.95 29.84 1.45
N ILE A 334 -8.63 30.15 2.55
CA ILE A 334 -8.17 31.19 3.47
C ILE A 334 -8.72 30.90 4.87
N PRO A 335 -7.88 31.11 5.89
CA PRO A 335 -8.26 30.91 7.30
C PRO A 335 -8.46 32.23 8.02
N VAL A 336 -8.54 32.18 9.35
CA VAL A 336 -8.65 33.39 10.16
C VAL A 336 -7.28 33.90 10.59
N SER A 346 4.95 28.85 22.13
CA SER A 346 6.24 28.21 21.83
C SER A 346 6.05 26.74 21.39
N PRO A 347 5.47 26.54 20.19
CA PRO A 347 5.03 25.22 19.69
C PRO A 347 6.12 24.16 19.59
N LYS A 348 5.74 22.90 19.78
CA LYS A 348 6.59 21.78 19.39
C LYS A 348 7.00 21.97 17.92
N GLN A 349 8.21 21.55 17.58
CA GLN A 349 8.70 21.63 16.21
C GLN A 349 8.69 20.25 15.51
N PHE A 350 8.05 20.19 14.36
CA PHE A 350 8.11 18.97 13.54
C PHE A 350 8.56 19.35 12.14
N ILE A 351 9.87 19.44 11.98
CA ILE A 351 10.48 19.87 10.73
C ILE A 351 11.01 18.67 10.00
N VAL A 352 10.31 18.29 8.94
CA VAL A 352 10.65 17.10 8.17
C VAL A 352 11.66 17.47 7.09
N ASP A 353 12.94 17.40 7.44
CA ASP A 353 14.01 17.99 6.63
C ASP A 353 15.15 17.02 6.49
N HIS A 354 14.84 15.75 6.70
CA HIS A 354 15.74 14.63 6.47
C HIS A 354 14.85 13.38 6.28
N PRO A 355 15.43 12.26 5.87
CA PRO A 355 14.67 11.06 5.49
C PRO A 355 13.73 10.53 6.56
N PHE A 356 12.54 10.10 6.13
CA PHE A 356 11.48 9.71 7.06
C PHE A 356 10.63 8.55 6.52
N ILE A 357 9.94 7.87 7.42
CA ILE A 357 8.95 6.87 7.08
C ILE A 357 7.58 7.56 7.19
N PHE A 358 6.62 7.15 6.38
CA PHE A 358 5.25 7.63 6.49
C PHE A 358 4.28 6.49 6.26
N TYR A 359 3.04 6.68 6.72
CA TYR A 359 2.01 5.70 6.44
C TYR A 359 0.63 6.31 6.55
N ILE A 360 -0.28 5.83 5.70
CA ILE A 360 -1.65 6.30 5.69
C ILE A 360 -2.52 5.28 6.41
N LYS A 361 -3.32 5.75 7.37
CA LYS A 361 -4.25 4.89 8.10
C LYS A 361 -5.68 5.30 7.83
N VAL A 362 -6.56 4.32 7.77
CA VAL A 362 -7.98 4.59 7.77
C VAL A 362 -8.64 3.72 8.83
N LYS A 363 -9.25 4.37 9.82
CA LYS A 363 -9.96 3.65 10.86
C LYS A 363 -9.06 2.63 11.54
N GLY A 364 -7.87 3.09 11.92
CA GLY A 364 -6.90 2.27 12.63
C GLY A 364 -6.15 1.30 11.73
N MET A 365 -6.55 1.21 10.46
CA MET A 365 -5.86 0.30 9.57
C MET A 365 -4.88 0.99 8.61
N ILE A 366 -3.64 0.52 8.60
CA ILE A 366 -2.64 1.00 7.65
C ILE A 366 -2.97 0.60 6.21
N LEU A 367 -3.10 1.60 5.33
CA LEU A 367 -3.41 1.40 3.92
C LEU A 367 -2.17 1.46 3.01
N PHE A 368 -1.26 2.37 3.34
CA PHE A 368 -0.04 2.57 2.57
C PHE A 368 1.09 2.84 3.54
N ALA A 369 2.30 2.41 3.19
CA ALA A 369 3.48 2.74 3.95
C ALA A 369 4.64 2.99 2.98
N GLY A 370 5.63 3.75 3.42
CA GLY A 370 6.76 4.01 2.54
C GLY A 370 7.77 4.92 3.20
N ARG A 371 8.70 5.40 2.38
CA ARG A 371 9.77 6.22 2.90
C ARG A 371 10.21 7.20 1.83
N VAL A 372 10.79 8.29 2.30
CA VAL A 372 11.42 9.27 1.45
C VAL A 372 12.85 9.44 1.98
N THR A 373 13.84 9.19 1.13
CA THR A 373 15.24 9.38 1.48
C THR A 373 15.85 10.42 0.56
N THR A 374 15.10 10.81 -0.46
CA THR A 374 15.62 11.72 -1.47
C THR A 374 14.51 12.57 -2.09
N LEU A 375 14.81 13.84 -2.36
CA LEU A 375 13.87 14.78 -2.93
C LEU A 375 14.66 15.64 -3.89
N ASN A 376 13.97 16.35 -4.78
CA ASN A 376 14.65 17.31 -5.67
C ASN A 376 13.88 18.63 -5.80
#